data_5Z4T
#
_entry.id   5Z4T
#
_cell.length_a   65.095
_cell.length_b   69.918
_cell.length_c   186.601
_cell.angle_alpha   90.00
_cell.angle_beta   90.00
_cell.angle_gamma   90.00
#
_symmetry.space_group_name_H-M   'P 21 21 21'
#
loop_
_entity.id
_entity.type
_entity.pdbx_description
1 polymer beta-1,4-mannanas
2 branched beta-D-mannopyranose-(1-4)-beta-D-mannopyranose
3 water water
#
_entity_poly.entity_id   1
_entity_poly.type   'polypeptide(L)'
_entity_poly.pdbx_seq_one_letter_code
;MEFIKGFTFGWDSQKGYFKTERAKESLRLMQERTASEYVIVALAALQDTAHSTEVDFQGSHMVDDDELIELIDYAKSLGL
KVILKPTVNCRNGTWRAHINFFDMDIPGEPTWDEWFESYINYQKHYAKIAEKTNCEMFVVGCEMVQAERREDKWRELIAE
VRKDYRGLVTYNTDKYQEDNVKFWDALDVISSSGYYPINDWDRQLDRIEAVVKQYDKPFFFVAAGCPSRSGSALLPNKWD
LEGAINLQEQADYYQVMFEKTASRSWVGGFGLWDWQTYLYDEKDATKNDDYGVFGKPAERVIKAYYQSR
;
_entity_poly.pdbx_strand_id   B,A
#
# COMPACT_ATOMS: atom_id res chain seq x y z
N MET A 1 -13.89 -0.71 34.74
CA MET A 1 -12.52 -0.24 34.55
C MET A 1 -12.33 1.14 35.19
N GLU A 2 -11.35 1.24 36.08
CA GLU A 2 -10.98 2.53 36.65
C GLU A 2 -10.52 3.46 35.53
N PHE A 3 -10.65 4.77 35.77
CA PHE A 3 -10.15 5.76 34.82
C PHE A 3 -8.64 5.61 34.64
N ILE A 4 -8.20 5.50 33.39
CA ILE A 4 -6.80 5.23 33.09
C ILE A 4 -6.08 6.55 32.87
N LYS A 5 -5.22 6.92 33.81
CA LYS A 5 -4.45 8.16 33.74
C LYS A 5 -3.09 7.82 33.14
N GLY A 6 -3.06 7.74 31.81
CA GLY A 6 -1.92 7.12 31.16
C GLY A 6 -1.08 8.07 30.33
N PHE A 7 0.15 7.66 30.05
CA PHE A 7 1.05 8.42 29.19
C PHE A 7 1.91 7.42 28.42
N THR A 8 2.01 7.63 27.11
CA THR A 8 2.83 6.76 26.27
C THR A 8 4.30 7.05 26.47
N PHE A 9 5.12 5.98 26.51
CA PHE A 9 6.56 6.07 26.75
C PHE A 9 7.29 5.08 25.85
N GLY A 10 8.50 5.46 25.42
CA GLY A 10 9.37 4.54 24.73
C GLY A 10 9.25 4.49 23.22
N TRP A 11 8.44 5.35 22.61
CA TRP A 11 8.25 5.29 21.16
C TRP A 11 9.56 5.53 20.41
N ASP A 12 10.41 6.41 20.94
CA ASP A 12 11.70 6.73 20.33
C ASP A 12 12.77 5.69 20.64
N SER A 13 12.47 4.65 21.41
CA SER A 13 13.53 3.78 21.91
C SER A 13 14.15 2.95 20.81
N GLN A 14 15.42 2.64 21.02
CA GLN A 14 16.22 1.77 20.18
C GLN A 14 16.96 0.78 21.11
N LYS A 15 17.48 -0.30 20.54
CA LYS A 15 18.17 -1.26 21.38
C LYS A 15 19.20 -0.56 22.25
N GLY A 16 19.18 -0.88 23.55
CA GLY A 16 20.07 -0.27 24.52
C GLY A 16 19.51 0.93 25.25
N TYR A 17 18.47 1.58 24.73
CA TYR A 17 17.96 2.80 25.36
C TYR A 17 17.50 2.54 26.79
N PHE A 18 16.88 1.38 27.04
CA PHE A 18 16.27 1.13 28.34
C PHE A 18 17.29 0.70 29.40
N LYS A 19 18.56 0.57 29.01
CA LYS A 19 19.62 0.34 30.01
C LYS A 19 20.13 1.63 30.62
N THR A 20 19.75 2.77 30.06
CA THR A 20 20.38 4.03 30.43
C THR A 20 19.73 4.66 31.66
N GLU A 21 20.53 5.42 32.39
CA GLU A 21 20.01 6.24 33.48
C GLU A 21 19.03 7.29 32.95
N ARG A 22 19.28 7.87 31.78
CA ARG A 22 18.36 8.93 31.33
C ARG A 22 16.98 8.39 30.97
N ALA A 23 16.87 7.10 30.60
CA ALA A 23 15.54 6.51 30.41
C ALA A 23 14.78 6.46 31.72
N LYS A 24 15.44 6.03 32.80
CA LYS A 24 14.80 6.01 34.11
C LYS A 24 14.44 7.42 34.56
N GLU A 25 15.35 8.38 34.38
CA GLU A 25 15.05 9.75 34.77
C GLU A 25 13.84 10.28 34.00
N SER A 26 13.77 10.01 32.70
CA SER A 26 12.64 10.46 31.90
C SER A 26 11.32 9.89 32.42
N LEU A 27 11.31 8.59 32.75
CA LEU A 27 10.09 7.97 33.29
C LEU A 27 9.71 8.58 34.62
N ARG A 28 10.69 8.79 35.50
CA ARG A 28 10.41 9.46 36.77
C ARG A 28 9.78 10.83 36.56
N LEU A 29 10.31 11.61 35.59
CA LEU A 29 9.77 12.93 35.33
C LEU A 29 8.36 12.83 34.74
N MET A 30 8.12 11.86 33.86
CA MET A 30 6.76 11.65 33.33
C MET A 30 5.75 11.50 34.46
N GLN A 31 6.06 10.64 35.43
CA GLN A 31 5.15 10.44 36.57
C GLN A 31 5.02 11.72 37.40
N GLU A 32 6.16 12.34 37.73
CA GLU A 32 6.13 13.51 38.62
C GLU A 32 5.36 14.67 37.98
N ARG A 33 5.58 14.92 36.69
CA ARG A 33 5.04 16.12 36.05
C ARG A 33 3.58 15.95 35.63
N THR A 34 3.11 14.72 35.40
CA THR A 34 1.76 14.53 34.85
C THR A 34 0.80 13.81 35.80
N ALA A 35 1.28 13.22 36.89
CA ALA A 35 0.47 12.41 37.79
C ALA A 35 -0.15 11.21 37.07
N SER A 36 0.50 10.77 35.99
CA SER A 36 0.07 9.54 35.34
C SER A 36 0.22 8.36 36.29
N GLU A 37 -0.73 7.42 36.21
CA GLU A 37 -0.68 6.18 36.97
C GLU A 37 -0.48 4.95 36.10
N TYR A 38 -0.62 5.10 34.78
CA TYR A 38 -0.32 4.07 33.79
C TYR A 38 0.75 4.58 32.85
N VAL A 39 1.64 3.69 32.41
CA VAL A 39 2.53 3.95 31.28
C VAL A 39 2.16 2.99 30.16
N ILE A 40 1.98 3.53 28.96
CA ILE A 40 1.77 2.72 27.77
C ILE A 40 3.14 2.60 27.10
N VAL A 41 3.73 1.41 27.13
CA VAL A 41 5.06 1.19 26.54
C VAL A 41 4.82 0.79 25.09
N ALA A 42 5.02 1.73 24.17
CA ALA A 42 4.75 1.56 22.76
C ALA A 42 6.05 1.26 22.01
N LEU A 43 6.11 0.10 21.37
CA LEU A 43 7.29 -0.39 20.66
C LEU A 43 6.92 -0.71 19.21
N ALA A 44 7.89 -0.63 18.32
CA ALA A 44 7.60 -0.89 16.90
C ALA A 44 8.65 -1.83 16.31
N ALA A 45 8.21 -3.03 15.95
CA ALA A 45 8.95 -3.88 15.04
C ALA A 45 9.00 -3.22 13.66
N LEU A 46 9.75 -3.84 12.73
CA LEU A 46 9.85 -3.32 11.36
C LEU A 46 9.57 -4.40 10.34
N GLN A 47 8.88 -4.02 9.27
CA GLN A 47 8.83 -4.77 8.02
C GLN A 47 9.27 -3.84 6.90
N ASP A 48 9.69 -4.43 5.78
CA ASP A 48 10.32 -3.63 4.72
C ASP A 48 9.34 -2.64 4.10
N THR A 49 8.14 -3.12 3.72
CA THR A 49 7.14 -2.29 3.06
C THR A 49 5.75 -2.64 3.61
N ALA A 50 4.75 -1.89 3.15
CA ALA A 50 3.39 -2.20 3.56
C ALA A 50 2.90 -3.51 2.97
N HIS A 51 3.66 -4.14 2.07
CA HIS A 51 3.21 -5.36 1.39
C HIS A 51 4.24 -6.48 1.49
N SER A 52 5.12 -6.45 2.48
CA SER A 52 6.00 -7.56 2.76
C SER A 52 5.52 -8.26 4.02
N THR A 53 6.05 -9.47 4.25
CA THR A 53 5.43 -10.40 5.18
C THR A 53 6.29 -10.71 6.39
N GLU A 54 7.50 -10.17 6.49
CA GLU A 54 8.41 -10.52 7.58
C GLU A 54 8.47 -9.37 8.58
N VAL A 55 8.12 -9.67 9.84
CA VAL A 55 8.08 -8.70 10.93
C VAL A 55 9.31 -8.94 11.82
N ASP A 56 10.16 -7.93 11.93
CA ASP A 56 11.46 -8.04 12.61
C ASP A 56 11.38 -7.34 13.96
N PHE A 57 11.58 -8.10 15.04
CA PHE A 57 11.63 -7.53 16.37
C PHE A 57 12.97 -7.81 17.05
N GLN A 58 14.01 -8.09 16.28
CA GLN A 58 15.30 -8.40 16.89
C GLN A 58 16.44 -7.42 16.56
N GLY A 59 16.26 -6.58 15.56
CA GLY A 59 17.32 -5.71 15.12
C GLY A 59 17.53 -4.46 15.98
N SER A 60 18.41 -3.58 15.49
CA SER A 60 18.88 -2.43 16.28
C SER A 60 17.76 -1.49 16.68
N HIS A 61 16.62 -1.53 15.98
CA HIS A 61 15.48 -0.67 16.27
C HIS A 61 14.72 -1.07 17.54
N MET A 62 14.90 -2.30 18.01
CA MET A 62 14.05 -2.83 19.08
C MET A 62 14.86 -3.06 20.35
N VAL A 63 14.31 -2.61 21.49
CA VAL A 63 14.90 -2.95 22.77
C VAL A 63 15.01 -4.47 22.92
N ASP A 64 16.08 -4.92 23.56
CA ASP A 64 16.21 -6.33 23.91
C ASP A 64 15.21 -6.71 25.01
N ASP A 65 14.93 -8.01 25.13
CA ASP A 65 13.98 -8.48 26.13
C ASP A 65 14.44 -8.13 27.54
N ASP A 66 15.73 -8.31 27.83
CA ASP A 66 16.16 -8.10 29.21
C ASP A 66 15.97 -6.64 29.62
N GLU A 67 16.33 -5.69 28.75
CA GLU A 67 16.16 -4.29 29.12
C GLU A 67 14.68 -3.88 29.11
N LEU A 68 13.85 -4.49 28.26
CA LEU A 68 12.41 -4.21 28.33
C LEU A 68 11.84 -4.66 29.67
N ILE A 69 12.21 -5.87 30.12
CA ILE A 69 11.71 -6.35 31.40
C ILE A 69 12.22 -5.48 32.54
N GLU A 70 13.49 -5.07 32.46
CA GLU A 70 14.06 -4.14 33.44
C GLU A 70 13.24 -2.84 33.51
N LEU A 71 12.88 -2.28 32.35
CA LEU A 71 12.11 -1.03 32.34
C LEU A 71 10.70 -1.25 32.90
N ILE A 72 10.04 -2.32 32.49
CA ILE A 72 8.69 -2.60 33.02
C ILE A 72 8.75 -2.77 34.52
N ASP A 73 9.71 -3.55 35.01
CA ASP A 73 9.86 -3.73 36.45
C ASP A 73 10.13 -2.39 37.14
N TYR A 74 10.94 -1.53 36.51
CA TYR A 74 11.21 -0.25 37.14
C TYR A 74 9.96 0.61 37.20
N ALA A 75 9.15 0.61 36.14
CA ALA A 75 7.88 1.33 36.17
C ALA A 75 7.01 0.85 37.33
N LYS A 76 6.90 -0.47 37.49
CA LYS A 76 6.10 -0.97 38.60
C LYS A 76 6.72 -0.56 39.94
N SER A 77 8.04 -0.47 40.04
CA SER A 77 8.66 -0.03 41.30
C SER A 77 8.27 1.40 41.64
N LEU A 78 7.92 2.21 40.63
CA LEU A 78 7.43 3.58 40.83
C LEU A 78 5.95 3.63 41.15
N GLY A 79 5.26 2.50 41.15
CA GLY A 79 3.83 2.47 41.35
C GLY A 79 3.00 2.59 40.09
N LEU A 80 3.62 2.59 38.90
CA LEU A 80 2.86 2.66 37.66
C LEU A 80 2.31 1.29 37.29
N LYS A 81 1.11 1.29 36.71
CA LYS A 81 0.62 0.13 35.97
C LYS A 81 1.06 0.25 34.52
N VAL A 82 1.18 -0.89 33.85
CA VAL A 82 1.86 -0.96 32.56
C VAL A 82 0.93 -1.54 31.51
N ILE A 83 0.80 -0.84 30.39
CA ILE A 83 0.12 -1.33 29.21
C ILE A 83 1.17 -1.53 28.12
N LEU A 84 1.30 -2.76 27.61
CA LEU A 84 2.31 -3.07 26.60
C LEU A 84 1.68 -3.05 25.21
N LYS A 85 2.31 -2.31 24.30
CA LYS A 85 1.73 -1.98 22.99
C LYS A 85 2.76 -2.25 21.90
N PRO A 86 2.90 -3.50 21.47
CA PRO A 86 3.87 -3.79 20.40
C PRO A 86 3.22 -3.67 19.03
N THR A 87 3.64 -2.68 18.24
CA THR A 87 3.07 -2.52 16.90
C THR A 87 4.18 -2.65 15.86
N VAL A 88 3.98 -2.14 14.65
CA VAL A 88 4.93 -2.38 13.57
C VAL A 88 4.96 -1.16 12.65
N ASN A 89 6.16 -0.80 12.20
CA ASN A 89 6.36 0.26 11.21
C ASN A 89 6.98 -0.34 9.95
N CYS A 90 6.95 0.44 8.87
CA CYS A 90 7.53 0.04 7.60
C CYS A 90 8.84 0.78 7.38
N ARG A 91 9.84 0.04 6.88
CA ARG A 91 11.16 0.65 6.66
C ARG A 91 11.11 1.74 5.61
N ASN A 92 10.20 1.64 4.64
CA ASN A 92 10.07 2.67 3.62
C ASN A 92 9.17 3.83 4.04
N GLY A 93 8.76 3.88 5.31
CA GLY A 93 8.02 5.01 5.85
C GLY A 93 6.51 4.94 5.69
N THR A 94 5.97 3.96 4.96
CA THR A 94 4.52 3.84 4.81
C THR A 94 3.85 3.60 6.17
N TRP A 95 2.81 4.37 6.46
CA TRP A 95 2.05 4.18 7.69
C TRP A 95 1.43 2.79 7.73
N ARG A 96 1.46 2.16 8.91
CA ARG A 96 1.02 0.77 9.03
C ARG A 96 -0.45 0.58 8.68
N ALA A 97 -1.25 1.65 8.67
CA ALA A 97 -2.64 1.55 8.28
C ALA A 97 -2.81 1.06 6.85
N HIS A 98 -1.78 1.20 6.02
CA HIS A 98 -1.84 0.77 4.63
C HIS A 98 -1.36 -0.66 4.42
N ILE A 99 -0.87 -1.34 5.47
CA ILE A 99 -0.45 -2.73 5.32
C ILE A 99 -1.62 -3.54 4.78
N ASN A 100 -1.40 -4.25 3.67
CA ASN A 100 -2.52 -4.79 2.91
C ASN A 100 -1.99 -5.79 1.89
N PHE A 101 -2.81 -6.81 1.59
CA PHE A 101 -2.48 -7.84 0.62
C PHE A 101 -3.69 -8.13 -0.24
N PHE A 102 -3.47 -8.81 -1.36
CA PHE A 102 -4.58 -9.23 -2.22
C PHE A 102 -5.59 -10.06 -1.42
N ASP A 103 -6.88 -9.90 -1.75
CA ASP A 103 -7.91 -10.74 -1.14
C ASP A 103 -7.65 -12.23 -1.39
N MET A 104 -7.14 -12.56 -2.57
CA MET A 104 -6.84 -13.92 -2.98
C MET A 104 -5.35 -14.22 -2.79
N ASP A 105 -5.03 -15.52 -2.72
CA ASP A 105 -3.65 -15.98 -2.73
C ASP A 105 -3.25 -16.24 -4.18
N ILE A 106 -2.36 -15.40 -4.71
CA ILE A 106 -1.92 -15.47 -6.10
C ILE A 106 -0.51 -16.05 -6.13
N PRO A 107 -0.21 -16.99 -7.03
CA PRO A 107 1.11 -17.63 -7.01
C PRO A 107 2.25 -16.62 -7.11
N GLY A 108 3.24 -16.78 -6.24
CA GLY A 108 4.37 -15.86 -6.20
C GLY A 108 4.09 -14.53 -5.54
N GLU A 109 2.84 -14.31 -5.05
CA GLU A 109 2.51 -13.04 -4.40
C GLU A 109 2.46 -13.19 -2.88
N PRO A 110 2.76 -12.13 -2.13
CA PRO A 110 2.60 -12.19 -0.67
C PRO A 110 1.13 -12.35 -0.31
N THR A 111 0.89 -13.01 0.83
CA THR A 111 -0.47 -13.32 1.24
C THR A 111 -0.73 -12.83 2.65
N TRP A 112 -2.02 -12.68 2.95
CA TRP A 112 -2.45 -12.36 4.30
C TRP A 112 -1.98 -13.41 5.30
N ASP A 113 -2.06 -14.68 4.93
CA ASP A 113 -1.66 -15.72 5.88
C ASP A 113 -0.17 -15.62 6.22
N GLU A 114 0.66 -15.29 5.22
CA GLU A 114 2.10 -15.14 5.47
C GLU A 114 2.37 -13.98 6.44
N TRP A 115 1.73 -12.83 6.19
CA TRP A 115 1.96 -11.69 7.08
C TRP A 115 1.46 -11.99 8.49
N PHE A 116 0.25 -12.56 8.60
CA PHE A 116 -0.29 -12.85 9.93
C PHE A 116 0.54 -13.88 10.67
N GLU A 117 1.17 -14.81 9.97
CA GLU A 117 2.02 -15.78 10.66
C GLU A 117 3.15 -15.07 11.36
N SER A 118 3.82 -14.15 10.64
CA SER A 118 4.94 -13.42 11.23
C SER A 118 4.45 -12.46 12.32
N TYR A 119 3.31 -11.80 12.10
CA TYR A 119 2.83 -10.84 13.09
C TYR A 119 2.32 -11.56 14.34
N ILE A 120 1.67 -12.72 14.19
CA ILE A 120 1.25 -13.52 15.34
C ILE A 120 2.45 -13.95 16.16
N ASN A 121 3.52 -14.40 15.49
CA ASN A 121 4.69 -14.88 16.24
C ASN A 121 5.32 -13.73 17.02
N TYR A 122 5.34 -12.54 16.43
CA TYR A 122 5.73 -11.32 17.14
C TYR A 122 4.83 -11.07 18.35
N GLN A 123 3.52 -11.03 18.15
CA GLN A 123 2.61 -10.72 19.25
C GLN A 123 2.70 -11.75 20.37
N LYS A 124 2.83 -13.04 20.03
CA LYS A 124 2.88 -14.07 21.07
C LYS A 124 4.09 -13.89 21.97
N HIS A 125 5.23 -13.54 21.38
CA HIS A 125 6.43 -13.33 22.19
C HIS A 125 6.23 -12.19 23.19
N TYR A 126 5.66 -11.07 22.74
CA TYR A 126 5.48 -9.95 23.66
C TYR A 126 4.32 -10.19 24.61
N ALA A 127 3.35 -11.04 24.22
CA ALA A 127 2.33 -11.45 25.18
C ALA A 127 2.93 -12.26 26.31
N LYS A 128 3.90 -13.12 25.99
CA LYS A 128 4.58 -13.87 27.05
C LYS A 128 5.36 -12.93 27.97
N ILE A 129 5.92 -11.85 27.41
CA ILE A 129 6.62 -10.88 28.25
C ILE A 129 5.63 -10.13 29.12
N ALA A 130 4.46 -9.77 28.56
CA ALA A 130 3.44 -9.09 29.34
C ALA A 130 2.96 -9.96 30.49
N GLU A 131 2.88 -11.28 30.25
CA GLU A 131 2.47 -12.20 31.29
C GLU A 131 3.53 -12.32 32.38
N LYS A 132 4.79 -12.49 31.99
CA LYS A 132 5.87 -12.62 32.97
C LYS A 132 5.96 -11.40 33.86
N THR A 133 5.80 -10.21 33.29
CA THR A 133 5.89 -8.99 34.07
C THR A 133 4.56 -8.53 34.63
N ASN A 134 3.48 -9.28 34.43
CA ASN A 134 2.17 -8.94 34.99
C ASN A 134 1.70 -7.55 34.51
N CYS A 135 1.90 -7.27 33.21
CA CYS A 135 1.35 -6.04 32.64
C CYS A 135 -0.17 -6.07 32.77
N GLU A 136 -0.74 -4.89 33.04
CA GLU A 136 -2.20 -4.84 33.25
C GLU A 136 -2.97 -5.01 31.95
N MET A 137 -2.38 -4.62 30.81
CA MET A 137 -3.14 -4.66 29.58
C MET A 137 -2.16 -4.84 28.43
N PHE A 138 -2.65 -5.43 27.34
CA PHE A 138 -1.84 -5.74 26.16
C PHE A 138 -2.64 -5.31 24.93
N VAL A 139 -1.97 -4.62 24.00
CA VAL A 139 -2.61 -4.03 22.83
C VAL A 139 -2.12 -4.80 21.61
N VAL A 140 -3.01 -5.57 20.96
CA VAL A 140 -2.54 -6.49 19.92
C VAL A 140 -2.29 -5.83 18.57
N GLY A 141 -2.75 -4.60 18.39
CA GLY A 141 -2.56 -3.93 17.11
C GLY A 141 -2.87 -2.46 17.25
N CYS A 142 -2.38 -1.68 16.28
CA CYS A 142 -2.47 -0.23 16.35
C CYS A 142 -2.73 0.31 14.95
N GLU A 143 -3.91 0.90 14.74
CA GLU A 143 -4.24 1.66 13.53
C GLU A 143 -4.07 0.83 12.25
N MET A 144 -4.36 -0.47 12.30
CA MET A 144 -4.20 -1.35 11.14
C MET A 144 -5.43 -1.30 10.24
N VAL A 145 -5.69 -0.10 9.71
CA VAL A 145 -7.00 0.19 9.13
C VAL A 145 -7.35 -0.80 8.02
N GLN A 146 -6.45 -0.99 7.06
CA GLN A 146 -6.77 -1.84 5.93
C GLN A 146 -6.78 -3.32 6.31
N ALA A 147 -6.08 -3.70 7.39
CA ALA A 147 -6.08 -5.08 7.83
C ALA A 147 -7.29 -5.44 8.70
N GLU A 148 -8.06 -4.45 9.15
CA GLU A 148 -9.13 -4.73 10.09
C GLU A 148 -10.24 -5.60 9.47
N ARG A 149 -10.37 -5.59 8.15
CA ARG A 149 -11.38 -6.40 7.47
C ARG A 149 -11.09 -7.90 7.57
N ARG A 150 -9.87 -8.30 7.93
CA ARG A 150 -9.55 -9.73 8.03
C ARG A 150 -9.94 -10.22 9.41
N GLU A 151 -11.23 -10.14 9.69
CA GLU A 151 -11.81 -10.49 10.98
C GLU A 151 -11.37 -11.86 11.50
N ASP A 152 -11.44 -12.86 10.65
CA ASP A 152 -11.06 -14.21 11.04
C ASP A 152 -9.62 -14.28 11.55
N LYS A 153 -8.72 -13.57 10.89
CA LYS A 153 -7.32 -13.59 11.27
C LYS A 153 -7.08 -12.85 12.59
N TRP A 154 -7.75 -11.71 12.79
CA TRP A 154 -7.60 -11.01 14.06
C TRP A 154 -8.15 -11.85 15.21
N ARG A 155 -9.25 -12.58 14.98
CA ARG A 155 -9.77 -13.48 16.01
C ARG A 155 -8.79 -14.59 16.31
N GLU A 156 -8.13 -15.11 15.26
CA GLU A 156 -7.11 -16.15 15.46
C GLU A 156 -5.96 -15.61 16.30
N LEU A 157 -5.51 -14.39 15.98
CA LEU A 157 -4.39 -13.81 16.73
C LEU A 157 -4.76 -13.58 18.18
N ILE A 158 -5.96 -13.07 18.43
CA ILE A 158 -6.37 -12.80 19.80
C ILE A 158 -6.42 -14.09 20.60
N ALA A 159 -6.95 -15.16 19.99
CA ALA A 159 -6.95 -16.45 20.69
C ALA A 159 -5.53 -16.92 20.99
N GLU A 160 -4.59 -16.68 20.07
CA GLU A 160 -3.18 -17.01 20.35
C GLU A 160 -2.65 -16.22 21.52
N VAL A 161 -2.97 -14.92 21.58
CA VAL A 161 -2.52 -14.08 22.69
C VAL A 161 -3.14 -14.55 24.01
N ARG A 162 -4.42 -14.96 24.00
CA ARG A 162 -5.07 -15.45 25.21
C ARG A 162 -4.35 -16.65 25.81
N LYS A 163 -3.76 -17.50 24.96
CA LYS A 163 -3.04 -18.67 25.45
C LYS A 163 -1.80 -18.28 26.24
N ASP A 164 -1.21 -17.13 25.90
CA ASP A 164 0.04 -16.70 26.52
C ASP A 164 -0.14 -15.68 27.64
N TYR A 165 -1.28 -15.01 27.74
CA TYR A 165 -1.41 -13.83 28.58
C TYR A 165 -2.82 -13.77 29.16
N ARG A 166 -2.90 -13.56 30.48
CA ARG A 166 -4.16 -13.63 31.20
C ARG A 166 -4.75 -12.26 31.53
N GLY A 167 -4.08 -11.17 31.17
CA GLY A 167 -4.56 -9.84 31.50
C GLY A 167 -5.57 -9.32 30.48
N LEU A 168 -5.83 -8.02 30.58
CA LEU A 168 -6.78 -7.37 29.68
C LEU A 168 -6.18 -7.21 28.30
N VAL A 169 -6.97 -7.51 27.27
CA VAL A 169 -6.51 -7.44 25.89
C VAL A 169 -7.38 -6.44 25.13
N THR A 170 -6.74 -5.55 24.38
CA THR A 170 -7.45 -4.59 23.55
C THR A 170 -6.80 -4.53 22.17
N TYR A 171 -7.47 -3.81 21.27
CA TYR A 171 -6.95 -3.46 19.96
C TYR A 171 -7.21 -1.97 19.75
N ASN A 172 -6.21 -1.28 19.24
CA ASN A 172 -6.22 0.17 19.05
C ASN A 172 -6.55 0.57 17.62
N THR A 173 -7.79 0.99 17.37
CA THR A 173 -8.11 1.41 16.01
C THR A 173 -7.73 2.86 15.78
N ASP A 174 -7.79 3.28 14.53
CA ASP A 174 -7.48 4.66 14.21
C ASP A 174 -8.69 5.56 14.46
N LYS A 175 -8.42 6.86 14.57
CA LYS A 175 -9.44 7.90 14.54
C LYS A 175 -10.52 7.60 13.50
N TYR A 176 -11.78 7.77 13.88
CA TYR A 176 -12.96 7.60 13.04
C TYR A 176 -13.25 6.15 12.67
N GLN A 177 -12.42 5.19 13.11
CA GLN A 177 -12.56 3.80 12.68
C GLN A 177 -13.14 2.90 13.76
N GLU A 178 -13.75 3.47 14.81
CA GLU A 178 -14.19 2.66 15.94
C GLU A 178 -15.22 1.61 15.53
N ASP A 179 -16.02 1.86 14.49
CA ASP A 179 -17.00 0.88 14.02
C ASP A 179 -16.47 0.01 12.90
N ASN A 180 -15.26 0.26 12.40
CA ASN A 180 -14.67 -0.55 11.34
C ASN A 180 -14.26 -1.92 11.85
N VAL A 181 -13.99 -2.03 13.14
CA VAL A 181 -13.58 -3.28 13.77
C VAL A 181 -14.85 -4.06 14.15
N LYS A 182 -14.92 -5.32 13.72
CA LYS A 182 -16.07 -6.16 14.02
C LYS A 182 -15.73 -7.29 14.99
N PHE A 183 -14.57 -7.27 15.64
CA PHE A 183 -14.19 -8.32 16.56
C PHE A 183 -14.04 -7.80 17.98
N TRP A 184 -14.73 -6.71 18.32
CA TRP A 184 -14.64 -6.18 19.68
C TRP A 184 -15.15 -7.17 20.71
N ASP A 185 -16.06 -8.08 20.32
CA ASP A 185 -16.58 -9.06 21.27
C ASP A 185 -15.49 -9.98 21.79
N ALA A 186 -14.41 -10.16 21.02
CA ALA A 186 -13.30 -11.02 21.42
C ALA A 186 -12.31 -10.32 22.35
N LEU A 187 -12.51 -9.05 22.64
CA LEU A 187 -11.57 -8.24 23.42
C LEU A 187 -12.19 -7.81 24.74
N ASP A 188 -11.35 -7.30 25.65
CA ASP A 188 -11.83 -6.85 26.95
C ASP A 188 -12.14 -5.36 27.00
N VAL A 189 -11.46 -4.57 26.18
CA VAL A 189 -11.55 -3.12 26.17
C VAL A 189 -11.52 -2.65 24.73
N ILE A 190 -12.34 -1.65 24.40
CA ILE A 190 -12.32 -0.99 23.10
C ILE A 190 -11.41 0.23 23.19
N SER A 191 -10.59 0.48 22.17
CA SER A 191 -9.74 1.66 22.24
C SER A 191 -9.47 2.20 20.84
N SER A 192 -9.13 3.49 20.79
CA SER A 192 -8.83 4.12 19.51
C SER A 192 -7.84 5.27 19.74
N SER A 193 -7.23 5.70 18.64
CA SER A 193 -6.39 6.89 18.63
C SER A 193 -7.30 8.10 18.47
N GLY A 194 -7.61 8.76 19.59
CA GLY A 194 -8.61 9.80 19.62
C GLY A 194 -8.15 11.17 19.17
N TYR A 195 -7.58 11.25 17.96
CA TYR A 195 -6.99 12.48 17.42
C TYR A 195 -8.08 13.32 16.74
N TYR A 196 -8.99 13.89 17.60
CA TYR A 196 -10.13 14.55 16.99
C TYR A 196 -9.95 16.07 17.03
N PRO A 197 -10.51 16.80 16.07
CA PRO A 197 -10.26 18.25 16.01
C PRO A 197 -10.83 18.98 17.21
N ILE A 198 -10.16 20.07 17.60
CA ILE A 198 -10.56 20.86 18.75
C ILE A 198 -12.02 21.33 18.63
N ASN A 199 -12.52 21.48 17.41
CA ASN A 199 -13.85 22.03 17.19
C ASN A 199 -14.89 20.98 16.80
N ASP A 200 -14.59 19.68 16.99
CA ASP A 200 -15.52 18.66 16.52
C ASP A 200 -15.74 17.53 17.53
N TRP A 201 -15.48 17.77 18.83
CA TRP A 201 -15.59 16.68 19.79
C TRP A 201 -17.04 16.21 19.95
N ASP A 202 -18.00 17.14 19.90
CA ASP A 202 -19.39 16.75 20.16
C ASP A 202 -19.87 15.70 19.15
N ARG A 203 -19.67 15.95 17.87
CA ARG A 203 -20.11 15.01 16.85
C ARG A 203 -19.36 13.69 16.95
N GLN A 204 -18.07 13.74 17.24
CA GLN A 204 -17.28 12.51 17.25
C GLN A 204 -17.56 11.68 18.49
N LEU A 205 -17.72 12.33 19.65
CA LEU A 205 -18.05 11.59 20.86
C LEU A 205 -19.43 10.95 20.77
N ASP A 206 -20.42 11.67 20.21
CA ASP A 206 -21.73 11.07 20.00
C ASP A 206 -21.64 9.84 19.10
N ARG A 207 -20.84 9.91 18.03
CA ARG A 207 -20.69 8.76 17.13
C ARG A 207 -20.06 7.58 17.86
N ILE A 208 -18.97 7.83 18.60
CA ILE A 208 -18.28 6.73 19.28
C ILE A 208 -19.15 6.14 20.37
N GLU A 209 -19.88 6.97 21.10
CA GLU A 209 -20.76 6.50 22.16
C GLU A 209 -21.73 5.43 21.65
N ALA A 210 -22.31 5.67 20.48
CA ALA A 210 -23.25 4.71 19.91
C ALA A 210 -22.56 3.39 19.56
N VAL A 211 -21.31 3.46 19.07
CA VAL A 211 -20.56 2.22 18.84
C VAL A 211 -20.31 1.48 20.14
N VAL A 212 -19.83 2.22 21.14
CA VAL A 212 -19.47 1.61 22.41
C VAL A 212 -20.67 0.98 23.10
N LYS A 213 -21.86 1.56 22.90
CA LYS A 213 -23.05 0.99 23.51
C LYS A 213 -23.48 -0.31 22.86
N GLN A 214 -23.10 -0.56 21.60
CA GLN A 214 -23.45 -1.83 20.96
C GLN A 214 -22.78 -3.01 21.66
N TYR A 215 -21.64 -2.78 22.28
CA TYR A 215 -20.93 -3.81 23.03
C TYR A 215 -21.05 -3.50 24.52
N ASP A 216 -20.70 -4.48 25.34
CA ASP A 216 -20.77 -4.25 26.78
C ASP A 216 -19.36 -4.09 27.34
N LYS A 217 -18.57 -3.18 26.76
CA LYS A 217 -17.15 -3.14 27.08
C LYS A 217 -16.67 -1.73 27.39
N PRO A 218 -15.76 -1.59 28.35
CA PRO A 218 -15.17 -0.27 28.63
C PRO A 218 -14.38 0.24 27.43
N PHE A 219 -14.14 1.55 27.41
CA PHE A 219 -13.49 2.21 26.30
C PHE A 219 -12.48 3.21 26.83
N PHE A 220 -11.36 3.38 26.11
CA PHE A 220 -10.49 4.52 26.39
C PHE A 220 -9.70 4.90 25.14
N PHE A 221 -9.18 6.12 25.17
CA PHE A 221 -8.39 6.65 24.07
C PHE A 221 -6.94 6.29 24.34
N VAL A 222 -6.54 5.10 23.87
CA VAL A 222 -5.22 4.59 24.20
C VAL A 222 -4.11 5.45 23.59
N ALA A 223 -4.42 6.25 22.57
CA ALA A 223 -3.55 7.33 22.14
C ALA A 223 -4.38 8.59 21.96
N ALA A 224 -3.81 9.73 22.36
CA ALA A 224 -4.38 11.05 22.16
C ALA A 224 -3.30 12.07 22.48
N GLY A 225 -3.38 13.23 21.84
CA GLY A 225 -2.42 14.28 22.10
C GLY A 225 -2.43 15.28 20.96
N CYS A 226 -1.42 16.16 20.99
CA CYS A 226 -1.34 17.24 20.02
C CYS A 226 0.00 17.97 20.11
N PRO A 227 0.65 18.19 18.98
CA PRO A 227 1.91 18.96 19.00
C PRO A 227 1.68 20.41 19.36
N SER A 228 2.72 21.05 19.92
CA SER A 228 2.70 22.49 20.19
C SER A 228 3.09 23.24 18.92
N ARG A 229 2.17 23.20 17.95
CA ARG A 229 2.40 23.72 16.61
C ARG A 229 1.12 24.37 16.12
N SER A 230 1.24 25.51 15.44
CA SER A 230 0.05 26.19 14.93
C SER A 230 -0.58 25.37 13.81
N GLY A 231 -1.87 25.06 13.97
CA GLY A 231 -2.61 24.21 13.06
C GLY A 231 -2.82 22.81 13.57
N SER A 232 -2.05 22.40 14.58
CA SER A 232 -2.15 21.03 15.08
C SER A 232 -3.47 20.76 15.77
N ALA A 233 -4.10 21.79 16.37
CA ALA A 233 -5.34 21.54 17.10
C ALA A 233 -6.46 21.04 16.18
N LEU A 234 -6.40 21.37 14.89
CA LEU A 234 -7.39 20.85 13.94
C LEU A 234 -7.02 19.49 13.37
N LEU A 235 -5.72 19.16 13.32
CA LEU A 235 -5.24 17.89 12.78
C LEU A 235 -4.17 17.32 13.70
N PRO A 236 -4.56 16.90 14.91
CA PRO A 236 -3.55 16.59 15.94
C PRO A 236 -2.77 15.30 15.67
N ASN A 237 -3.27 14.42 14.81
CA ASN A 237 -2.56 13.21 14.43
C ASN A 237 -1.39 13.49 13.52
N LYS A 238 -1.33 14.68 12.91
CA LYS A 238 -0.41 14.92 11.80
C LYS A 238 0.95 15.30 12.36
N TRP A 239 1.77 14.28 12.61
CA TRP A 239 3.08 14.52 13.21
C TRP A 239 4.00 15.33 12.31
N ASP A 240 3.77 15.30 10.99
CA ASP A 240 4.59 16.06 10.05
C ASP A 240 3.89 17.34 9.55
N LEU A 241 2.83 17.78 10.24
CA LEU A 241 2.20 19.05 9.88
C LEU A 241 3.20 20.20 10.02
N GLU A 242 3.12 21.16 9.09
CA GLU A 242 4.01 22.31 9.11
C GLU A 242 3.29 23.50 9.75
N GLY A 243 3.98 24.15 10.69
CA GLY A 243 3.39 25.26 11.42
C GLY A 243 4.36 25.79 12.45
N ALA A 244 4.19 27.06 12.80
CA ALA A 244 5.08 27.69 13.75
C ALA A 244 4.86 27.15 15.16
N ILE A 245 5.87 27.36 16.02
CA ILE A 245 5.79 26.95 17.42
C ILE A 245 4.58 27.61 18.11
N ASN A 246 3.88 26.83 18.92
CA ASN A 246 2.69 27.37 19.59
C ASN A 246 2.40 26.52 20.82
N LEU A 247 3.00 26.88 21.95
CA LEU A 247 2.76 26.17 23.19
C LEU A 247 1.30 26.29 23.63
N GLN A 248 0.69 27.47 23.41
CA GLN A 248 -0.66 27.69 23.91
C GLN A 248 -1.67 26.88 23.12
N GLU A 249 -1.42 26.68 21.82
CA GLU A 249 -2.35 25.86 21.03
C GLU A 249 -2.43 24.45 21.58
N GLN A 250 -1.29 23.89 22.00
CA GLN A 250 -1.29 22.57 22.62
C GLN A 250 -2.08 22.58 23.93
N ALA A 251 -1.87 23.59 24.76
CA ALA A 251 -2.59 23.64 26.02
C ALA A 251 -4.09 23.81 25.79
N ASP A 252 -4.47 24.67 24.83
CA ASP A 252 -5.87 24.83 24.49
C ASP A 252 -6.48 23.51 24.01
N TYR A 253 -5.75 22.77 23.17
CA TYR A 253 -6.25 21.47 22.71
C TYR A 253 -6.55 20.55 23.90
N TYR A 254 -5.63 20.46 24.85
CA TYR A 254 -5.84 19.57 25.99
C TYR A 254 -7.00 20.04 26.86
N GLN A 255 -7.10 21.35 27.05
CA GLN A 255 -8.19 21.89 27.87
C GLN A 255 -9.55 21.50 27.30
N VAL A 256 -9.71 21.62 25.98
CA VAL A 256 -10.97 21.31 25.35
C VAL A 256 -11.23 19.81 25.36
N MET A 257 -10.21 19.01 25.04
CA MET A 257 -10.37 17.56 25.06
C MET A 257 -10.85 17.08 26.42
N PHE A 258 -10.23 17.57 27.50
CA PHE A 258 -10.62 17.09 28.83
C PHE A 258 -12.01 17.60 29.22
N GLU A 259 -12.33 18.85 28.87
CA GLU A 259 -13.67 19.38 29.15
C GLU A 259 -14.75 18.60 28.42
N LYS A 260 -14.50 18.26 27.15
CA LYS A 260 -15.51 17.55 26.36
C LYS A 260 -15.66 16.10 26.80
N THR A 261 -14.56 15.42 27.10
CA THR A 261 -14.65 14.00 27.47
C THR A 261 -15.02 13.78 28.93
N ALA A 262 -14.83 14.78 29.80
CA ALA A 262 -15.11 14.57 31.21
C ALA A 262 -16.58 14.23 31.45
N SER A 263 -17.48 14.76 30.63
CA SER A 263 -18.91 14.52 30.81
C SER A 263 -19.38 13.21 30.17
N ARG A 264 -18.50 12.48 29.51
CA ARG A 264 -18.85 11.18 28.94
C ARG A 264 -18.32 10.10 29.88
N SER A 265 -19.23 9.50 30.67
CA SER A 265 -18.81 8.50 31.64
C SER A 265 -18.10 7.32 31.00
N TRP A 266 -18.33 7.07 29.71
CA TRP A 266 -17.73 5.93 29.03
C TRP A 266 -16.32 6.21 28.49
N VAL A 267 -15.87 7.46 28.50
CA VAL A 267 -14.47 7.71 28.12
C VAL A 267 -13.63 7.34 29.33
N GLY A 268 -13.02 6.16 29.29
CA GLY A 268 -12.38 5.57 30.46
C GLY A 268 -10.91 5.87 30.65
N GLY A 269 -10.35 6.82 29.91
CA GLY A 269 -8.98 7.22 30.17
C GLY A 269 -8.24 7.52 28.89
N PHE A 270 -6.93 7.70 29.03
CA PHE A 270 -6.07 8.19 27.96
C PHE A 270 -4.71 7.54 28.07
N GLY A 271 -4.10 7.27 26.91
CA GLY A 271 -2.66 7.04 26.82
C GLY A 271 -2.00 8.17 26.05
N LEU A 272 -1.71 9.27 26.72
CA LEU A 272 -1.34 10.50 26.01
C LEU A 272 -0.05 10.30 25.22
N TRP A 273 -0.02 10.89 24.03
CA TRP A 273 1.08 10.73 23.09
C TRP A 273 1.88 12.02 23.01
N ASP A 274 3.17 11.99 23.35
CA ASP A 274 3.91 10.86 23.95
C ASP A 274 5.05 11.44 24.80
N TRP A 275 5.64 10.62 25.66
CA TRP A 275 6.76 11.01 26.50
C TRP A 275 8.01 10.26 26.03
N GLN A 276 8.99 11.00 25.51
CA GLN A 276 10.13 10.35 24.89
C GLN A 276 11.09 9.77 25.94
N THR A 277 11.69 8.64 25.56
CA THR A 277 12.71 8.00 26.40
C THR A 277 13.91 8.92 26.60
N TYR A 278 14.41 9.46 25.51
CA TYR A 278 15.51 10.43 25.56
C TYR A 278 14.85 11.80 25.53
N LEU A 279 14.55 12.31 26.72
CA LEU A 279 13.76 13.52 26.87
C LEU A 279 14.63 14.76 26.62
N TYR A 280 14.04 15.75 25.93
CA TYR A 280 14.75 17.01 25.72
C TYR A 280 15.01 17.70 27.06
N ASP A 281 16.05 18.54 27.10
CA ASP A 281 16.32 19.34 28.28
C ASP A 281 15.18 20.31 28.50
N GLU A 282 14.80 20.51 29.77
CA GLU A 282 13.66 21.39 30.05
C GLU A 282 13.90 22.80 29.54
N LYS A 283 15.17 23.23 29.49
CA LYS A 283 15.50 24.56 28.99
C LYS A 283 15.13 24.74 27.52
N ASP A 284 14.92 23.65 26.79
CA ASP A 284 14.57 23.71 25.38
C ASP A 284 13.08 23.53 25.14
N ALA A 285 12.26 23.47 26.19
CA ALA A 285 10.86 23.10 26.01
C ALA A 285 10.07 24.19 25.28
N THR A 286 10.35 25.46 25.55
CA THR A 286 9.59 26.52 24.89
C THR A 286 9.86 26.61 23.40
N LYS A 287 10.90 25.95 22.90
CA LYS A 287 11.17 25.93 21.47
C LYS A 287 10.86 24.58 20.84
N ASN A 288 10.36 23.63 21.62
CA ASN A 288 10.02 22.30 21.13
C ASN A 288 8.60 22.30 20.54
N ASP A 289 8.46 21.89 19.28
CA ASP A 289 7.17 21.91 18.62
C ASP A 289 6.55 20.52 18.47
N ASP A 290 6.98 19.55 19.29
CA ASP A 290 6.57 18.16 19.17
C ASP A 290 5.39 17.85 20.12
N TYR A 291 5.03 16.56 20.22
CA TYR A 291 3.93 16.12 21.07
C TYR A 291 4.24 16.25 22.56
N GLY A 292 5.52 16.25 22.94
CA GLY A 292 5.86 16.25 24.34
C GLY A 292 5.27 17.44 25.06
N VAL A 293 4.98 17.24 26.35
CA VAL A 293 4.42 18.29 27.18
C VAL A 293 5.37 18.73 28.29
N PHE A 294 6.49 18.03 28.49
CA PHE A 294 7.48 18.39 29.48
C PHE A 294 7.88 19.86 29.35
N GLY A 295 7.71 20.61 30.44
CA GLY A 295 8.13 22.00 30.46
C GLY A 295 7.23 22.97 29.72
N LYS A 296 6.05 22.53 29.27
CA LYS A 296 5.11 23.31 28.51
C LYS A 296 3.82 23.51 29.32
N PRO A 297 3.02 24.54 29.00
CA PRO A 297 1.78 24.75 29.76
C PRO A 297 0.85 23.55 29.79
N ALA A 298 0.81 22.73 28.74
CA ALA A 298 -0.05 21.56 28.75
C ALA A 298 0.30 20.58 29.85
N GLU A 299 1.56 20.60 30.30
CA GLU A 299 1.96 19.72 31.39
C GLU A 299 1.12 19.96 32.64
N ARG A 300 0.88 21.23 32.97
CA ARG A 300 0.11 21.56 34.15
C ARG A 300 -1.37 21.26 33.94
N VAL A 301 -1.86 21.44 32.71
CA VAL A 301 -3.26 21.11 32.41
C VAL A 301 -3.49 19.62 32.64
N ILE A 302 -2.58 18.78 32.14
CA ILE A 302 -2.73 17.35 32.29
C ILE A 302 -2.65 16.94 33.75
N LYS A 303 -1.63 17.44 34.46
CA LYS A 303 -1.47 17.05 35.86
C LYS A 303 -2.71 17.42 36.66
N ALA A 304 -3.21 18.64 36.48
CA ALA A 304 -4.41 19.06 37.19
C ALA A 304 -5.60 18.16 36.88
N TYR A 305 -5.79 17.80 35.61
CA TYR A 305 -6.95 16.97 35.26
C TYR A 305 -6.80 15.56 35.81
N TYR A 306 -5.62 14.96 35.66
CA TYR A 306 -5.40 13.62 36.19
C TYR A 306 -5.59 13.57 37.70
N GLN A 307 -5.15 14.62 38.40
CA GLN A 307 -5.33 14.65 39.85
C GLN A 307 -6.78 14.86 40.25
N SER A 308 -7.61 15.40 39.35
CA SER A 308 -9.03 15.55 39.63
C SER A 308 -9.81 14.27 39.40
N ARG A 309 -9.26 13.32 38.65
CA ARG A 309 -9.94 12.07 38.39
C ARG A 309 -9.49 10.97 39.34
N MET B 1 -13.18 -9.04 -33.34
CA MET B 1 -12.04 -8.29 -33.84
C MET B 1 -11.00 -9.22 -34.46
N GLU B 2 -10.24 -8.69 -35.42
CA GLU B 2 -9.16 -9.45 -36.03
C GLU B 2 -8.16 -9.87 -34.96
N PHE B 3 -7.50 -10.99 -35.20
CA PHE B 3 -6.45 -11.45 -34.29
C PHE B 3 -5.35 -10.39 -34.20
N ILE B 4 -5.02 -9.98 -32.98
CA ILE B 4 -4.04 -8.93 -32.74
C ILE B 4 -2.65 -9.55 -32.62
N LYS B 5 -1.80 -9.31 -33.62
CA LYS B 5 -0.40 -9.74 -33.61
C LYS B 5 0.43 -8.59 -33.06
N GLY B 6 0.47 -8.48 -31.74
CA GLY B 6 1.07 -7.29 -31.15
C GLY B 6 2.37 -7.49 -30.39
N PHE B 7 3.11 -6.40 -30.24
CA PHE B 7 4.29 -6.41 -29.40
C PHE B 7 4.34 -5.09 -28.66
N THR B 8 4.69 -5.15 -27.39
CA THR B 8 4.84 -3.97 -26.55
C THR B 8 6.18 -3.30 -26.84
N PHE B 9 6.15 -1.97 -26.95
CA PHE B 9 7.32 -1.16 -27.26
C PHE B 9 7.34 0.05 -26.34
N GLY B 10 8.53 0.51 -25.98
CA GLY B 10 8.69 1.78 -25.31
C GLY B 10 8.69 1.78 -23.80
N TRP B 11 8.64 0.60 -23.15
CA TRP B 11 8.57 0.56 -21.69
C TRP B 11 9.80 1.19 -21.06
N ASP B 12 10.96 1.07 -21.70
CA ASP B 12 12.20 1.64 -21.18
C ASP B 12 12.35 3.13 -21.50
N SER B 13 11.41 3.73 -22.21
CA SER B 13 11.64 5.07 -22.73
C SER B 13 11.71 6.10 -21.61
N GLN B 14 12.50 7.14 -21.84
CA GLN B 14 12.53 8.34 -21.03
C GLN B 14 12.44 9.53 -21.98
N LYS B 15 12.32 10.74 -21.42
CA LYS B 15 12.17 11.92 -22.27
C LYS B 15 13.33 12.00 -23.24
N GLY B 16 13.01 12.21 -24.52
CA GLY B 16 13.99 12.31 -25.56
C GLY B 16 14.23 11.03 -26.36
N TYR B 17 13.85 9.86 -25.82
CA TYR B 17 14.16 8.60 -26.49
C TYR B 17 13.48 8.49 -27.86
N PHE B 18 12.22 8.90 -27.95
CA PHE B 18 11.48 8.72 -29.20
C PHE B 18 11.91 9.70 -30.29
N LYS B 19 12.72 10.71 -29.95
CA LYS B 19 13.28 11.59 -30.97
C LYS B 19 14.41 10.93 -31.75
N THR B 20 15.02 9.89 -31.21
CA THR B 20 16.27 9.38 -31.75
C THR B 20 16.05 8.42 -32.91
N GLU B 21 17.09 8.28 -33.73
CA GLU B 21 17.07 7.32 -34.82
C GLU B 21 17.07 5.88 -34.31
N ARG B 22 17.75 5.61 -33.19
CA ARG B 22 17.80 4.23 -32.74
C ARG B 22 16.45 3.74 -32.23
N ALA B 23 15.56 4.64 -31.81
CA ALA B 23 14.20 4.23 -31.48
C ALA B 23 13.48 3.74 -32.72
N LYS B 24 13.59 4.49 -33.83
CA LYS B 24 12.94 4.10 -35.08
C LYS B 24 13.55 2.83 -35.64
N GLU B 25 14.85 2.66 -35.43
CA GLU B 25 15.54 1.45 -35.89
C GLU B 25 15.03 0.26 -35.09
N SER B 26 14.89 0.43 -33.78
CA SER B 26 14.39 -0.67 -32.95
C SER B 26 12.98 -1.08 -33.38
N LEU B 27 12.11 -0.09 -33.64
CA LEU B 27 10.75 -0.40 -34.06
C LEU B 27 10.73 -1.14 -35.40
N ARG B 28 11.55 -0.70 -36.35
CA ARG B 28 11.63 -1.41 -37.63
C ARG B 28 12.04 -2.86 -37.43
N LEU B 29 13.01 -3.11 -36.55
CA LEU B 29 13.47 -4.46 -36.30
C LEU B 29 12.39 -5.30 -35.63
N MET B 30 11.62 -4.67 -34.74
CA MET B 30 10.53 -5.36 -34.07
C MET B 30 9.55 -5.91 -35.10
N GLN B 31 9.17 -5.07 -36.07
CA GLN B 31 8.24 -5.50 -37.11
C GLN B 31 8.88 -6.56 -38.00
N GLU B 32 10.12 -6.32 -38.43
CA GLU B 32 10.81 -7.25 -39.31
C GLU B 32 10.93 -8.64 -38.67
N ARG B 33 11.36 -8.68 -37.40
CA ARG B 33 11.75 -9.95 -36.79
C ARG B 33 10.57 -10.75 -36.23
N THR B 34 9.44 -10.10 -35.92
CA THR B 34 8.32 -10.79 -35.31
C THR B 34 7.08 -10.88 -36.18
N ALA B 35 7.00 -10.12 -37.26
CA ALA B 35 5.80 -10.00 -38.10
C ALA B 35 4.62 -9.44 -37.32
N SER B 36 4.89 -8.70 -36.25
CA SER B 36 3.83 -8.00 -35.53
C SER B 36 3.13 -7.02 -36.46
N GLU B 37 1.81 -6.90 -36.30
CA GLU B 37 1.01 -5.90 -37.01
C GLU B 37 0.47 -4.81 -36.09
N TYR B 38 0.61 -4.98 -34.77
CA TYR B 38 0.23 -3.98 -33.77
C TYR B 38 1.43 -3.67 -32.88
N VAL B 39 1.57 -2.42 -32.48
CA VAL B 39 2.52 -2.05 -31.43
C VAL B 39 1.72 -1.51 -30.26
N ILE B 40 2.01 -2.04 -29.06
CA ILE B 40 1.43 -1.52 -27.82
C ILE B 40 2.47 -0.57 -27.24
N VAL B 41 2.17 0.73 -27.21
CA VAL B 41 3.11 1.73 -26.70
C VAL B 41 2.78 1.91 -25.22
N ALA B 42 3.62 1.32 -24.37
CA ALA B 42 3.39 1.28 -22.93
C ALA B 42 4.26 2.32 -22.25
N LEU B 43 3.61 3.27 -21.59
CA LEU B 43 4.27 4.38 -20.90
C LEU B 43 3.85 4.39 -19.43
N ALA B 44 4.70 4.96 -18.57
CA ALA B 44 4.39 5.02 -17.13
C ALA B 44 4.62 6.42 -16.59
N ALA B 45 3.55 7.06 -16.13
CA ALA B 45 3.66 8.21 -15.25
C ALA B 45 4.20 7.74 -13.90
N LEU B 46 4.45 8.70 -13.01
CA LEU B 46 4.97 8.35 -11.68
C LEU B 46 4.15 9.03 -10.60
N GLN B 47 3.94 8.31 -9.50
CA GLN B 47 3.49 8.90 -8.25
C GLN B 47 4.45 8.47 -7.15
N ASP B 48 4.48 9.21 -6.04
CA ASP B 48 5.53 8.99 -5.05
C ASP B 48 5.43 7.61 -4.42
N THR B 49 4.22 7.24 -3.96
CA THR B 49 3.99 5.98 -3.26
C THR B 49 2.67 5.39 -3.74
N ALA B 50 2.35 4.18 -3.26
CA ALA B 50 1.06 3.59 -3.60
C ALA B 50 -0.11 4.29 -2.93
N HIS B 51 0.14 5.28 -2.07
CA HIS B 51 -0.92 5.98 -1.35
C HIS B 51 -0.80 7.48 -1.49
N SER B 52 -0.15 7.91 -2.57
CA SER B 52 -0.04 9.32 -2.91
C SER B 52 -1.06 9.62 -4.02
N THR B 53 -1.49 10.87 -4.14
CA THR B 53 -2.54 11.19 -5.12
C THR B 53 -2.15 12.02 -6.35
N GLU B 54 -0.87 12.34 -6.51
CA GLU B 54 -0.46 13.18 -7.62
C GLU B 54 0.28 12.33 -8.64
N VAL B 55 -0.21 12.36 -9.89
CA VAL B 55 0.31 11.55 -10.99
C VAL B 55 1.08 12.48 -11.93
N ASP B 56 2.37 12.21 -12.13
CA ASP B 56 3.29 13.08 -12.86
C ASP B 56 3.60 12.46 -14.21
N PHE B 57 3.21 13.15 -15.30
CA PHE B 57 3.53 12.69 -16.65
C PHE B 57 4.34 13.72 -17.44
N GLN B 58 5.04 14.62 -16.74
CA GLN B 58 5.81 15.64 -17.44
C GLN B 58 7.31 15.59 -17.18
N GLY B 59 7.76 14.88 -16.15
CA GLY B 59 9.18 14.84 -15.80
C GLY B 59 10.01 14.00 -16.76
N SER B 60 11.29 13.82 -16.38
CA SER B 60 12.28 13.22 -17.27
C SER B 60 11.99 11.76 -17.58
N HIS B 61 11.16 11.10 -16.78
CA HIS B 61 10.78 9.71 -17.03
C HIS B 61 9.85 9.56 -18.23
N MET B 62 9.18 10.63 -18.62
CA MET B 62 8.19 10.52 -19.68
C MET B 62 8.49 11.24 -20.99
N VAL B 63 8.29 10.52 -22.08
CA VAL B 63 8.45 11.14 -23.39
C VAL B 63 7.54 12.35 -23.51
N ASP B 64 8.02 13.38 -24.21
CA ASP B 64 7.20 14.55 -24.48
C ASP B 64 6.09 14.20 -25.47
N ASP B 65 5.05 15.04 -25.50
CA ASP B 65 3.93 14.80 -26.41
C ASP B 65 4.40 14.79 -27.86
N ASP B 66 5.30 15.71 -28.24
CA ASP B 66 5.65 15.81 -29.64
C ASP B 66 6.40 14.57 -30.11
N GLU B 67 7.36 14.08 -29.33
CA GLU B 67 8.07 12.86 -29.72
C GLU B 67 7.16 11.62 -29.64
N LEU B 68 6.21 11.60 -28.70
CA LEU B 68 5.25 10.49 -28.69
C LEU B 68 4.42 10.48 -29.98
N ILE B 69 3.95 11.66 -30.40
CA ILE B 69 3.18 11.77 -31.63
C ILE B 69 4.04 11.37 -32.83
N GLU B 70 5.30 11.77 -32.84
CA GLU B 70 6.20 11.40 -33.92
C GLU B 70 6.38 9.88 -34.00
N LEU B 71 6.54 9.23 -32.84
CA LEU B 71 6.72 7.77 -32.84
C LEU B 71 5.46 7.06 -33.33
N ILE B 72 4.28 7.49 -32.85
CA ILE B 72 3.04 6.86 -33.28
C ILE B 72 2.86 7.04 -34.79
N ASP B 73 3.09 8.26 -35.29
CA ASP B 73 3.02 8.50 -36.73
C ASP B 73 4.00 7.60 -37.48
N TYR B 74 5.22 7.46 -36.95
CA TYR B 74 6.21 6.61 -37.61
C TYR B 74 5.75 5.15 -37.66
N ALA B 75 5.22 4.64 -36.54
CA ALA B 75 4.66 3.29 -36.53
C ALA B 75 3.61 3.11 -37.63
N LYS B 76 2.69 4.07 -37.73
CA LYS B 76 1.65 3.98 -38.75
C LYS B 76 2.25 4.02 -40.15
N SER B 77 3.38 4.72 -40.32
CA SER B 77 4.05 4.78 -41.61
C SER B 77 4.63 3.43 -42.00
N LEU B 78 4.95 2.59 -41.02
CA LEU B 78 5.39 1.23 -41.31
C LEU B 78 4.25 0.26 -41.55
N GLY B 79 3.01 0.72 -41.43
CA GLY B 79 1.87 -0.16 -41.53
C GLY B 79 1.40 -0.77 -40.23
N LEU B 80 1.96 -0.35 -39.10
CA LEU B 80 1.53 -0.89 -37.81
C LEU B 80 0.28 -0.16 -37.31
N LYS B 81 -0.60 -0.92 -36.67
CA LYS B 81 -1.67 -0.35 -35.87
C LYS B 81 -1.15 -0.13 -34.45
N VAL B 82 -1.73 0.84 -33.75
CA VAL B 82 -1.14 1.32 -32.50
C VAL B 82 -2.17 1.22 -31.37
N ILE B 83 -1.75 0.63 -30.26
CA ILE B 83 -2.50 0.61 -29.00
C ILE B 83 -1.74 1.43 -27.98
N LEU B 84 -2.37 2.46 -27.43
CA LEU B 84 -1.72 3.33 -26.46
C LEU B 84 -2.09 2.91 -25.04
N LYS B 85 -1.07 2.73 -24.18
CA LYS B 85 -1.24 2.15 -22.85
C LYS B 85 -0.52 3.01 -21.82
N PRO B 86 -1.16 4.09 -21.35
CA PRO B 86 -0.53 4.93 -20.32
C PRO B 86 -0.87 4.40 -18.94
N THR B 87 0.14 3.90 -18.21
CA THR B 87 -0.14 3.44 -16.86
C THR B 87 0.68 4.26 -15.87
N VAL B 88 0.91 3.74 -14.66
CA VAL B 88 1.56 4.55 -13.64
C VAL B 88 2.42 3.63 -12.76
N ASN B 89 3.59 4.13 -12.37
CA ASN B 89 4.45 3.44 -11.42
C ASN B 89 4.68 4.31 -10.18
N CYS B 90 5.19 3.67 -9.12
CA CYS B 90 5.49 4.36 -7.88
C CYS B 90 7.00 4.57 -7.75
N ARG B 91 7.39 5.78 -7.35
CA ARG B 91 8.79 6.13 -7.19
C ARG B 91 9.48 5.24 -6.16
N ASN B 92 8.75 4.82 -5.13
CA ASN B 92 9.36 3.94 -4.14
C ASN B 92 9.33 2.46 -4.57
N GLY B 93 8.96 2.19 -5.82
CA GLY B 93 9.03 0.85 -6.38
C GLY B 93 7.84 -0.05 -6.14
N THR B 94 6.86 0.39 -5.35
CA THR B 94 5.69 -0.45 -5.10
C THR B 94 4.94 -0.71 -6.41
N TRP B 95 4.60 -1.97 -6.64
CA TRP B 95 3.78 -2.34 -7.79
C TRP B 95 2.42 -1.64 -7.74
N ARG B 96 2.00 -1.11 -8.90
CA ARG B 96 0.76 -0.33 -8.96
C ARG B 96 -0.47 -1.14 -8.56
N ALA B 97 -0.38 -2.47 -8.57
CA ALA B 97 -1.51 -3.26 -8.08
C ALA B 97 -1.86 -2.93 -6.63
N HIS B 98 -0.92 -2.35 -5.88
CA HIS B 98 -1.15 -2.02 -4.47
C HIS B 98 -1.67 -0.60 -4.27
N ILE B 99 -1.77 0.21 -5.32
CA ILE B 99 -2.32 1.56 -5.14
C ILE B 99 -3.71 1.44 -4.52
N ASN B 100 -3.91 2.14 -3.41
CA ASN B 100 -5.06 1.88 -2.55
C ASN B 100 -5.22 3.02 -1.55
N PHE B 101 -6.47 3.28 -1.17
CA PHE B 101 -6.79 4.33 -0.21
C PHE B 101 -7.88 3.80 0.73
N PHE B 102 -8.05 4.50 1.86
CA PHE B 102 -9.10 4.13 2.80
C PHE B 102 -10.46 4.15 2.09
N ASP B 103 -11.35 3.25 2.53
CA ASP B 103 -12.72 3.24 1.99
C ASP B 103 -13.44 4.55 2.29
N MET B 104 -13.24 5.11 3.48
CA MET B 104 -13.84 6.37 3.90
C MET B 104 -12.91 7.55 3.59
N ASP B 105 -13.50 8.74 3.48
CA ASP B 105 -12.76 9.98 3.35
C ASP B 105 -12.46 10.54 4.74
N ILE B 106 -11.24 10.36 5.20
CA ILE B 106 -10.84 10.73 6.56
C ILE B 106 -10.13 12.09 6.50
N PRO B 107 -10.44 13.03 7.39
CA PRO B 107 -9.86 14.38 7.29
C PRO B 107 -8.33 14.34 7.32
N GLY B 108 -7.71 15.06 6.40
CA GLY B 108 -6.28 15.07 6.26
C GLY B 108 -5.68 13.87 5.56
N GLU B 109 -6.48 12.82 5.28
CA GLU B 109 -5.92 11.65 4.60
C GLU B 109 -6.14 11.74 3.09
N PRO B 110 -5.30 11.09 2.30
CA PRO B 110 -5.58 11.00 0.85
C PRO B 110 -6.84 10.19 0.59
N THR B 111 -7.53 10.53 -0.50
CA THR B 111 -8.79 9.87 -0.83
C THR B 111 -8.77 9.27 -2.23
N TRP B 112 -9.69 8.33 -2.44
CA TRP B 112 -9.91 7.78 -3.78
C TRP B 112 -10.26 8.90 -4.78
N ASP B 113 -11.09 9.86 -4.37
CA ASP B 113 -11.49 10.91 -5.30
C ASP B 113 -10.29 11.76 -5.70
N GLU B 114 -9.37 11.99 -4.76
CA GLU B 114 -8.17 12.75 -5.07
C GLU B 114 -7.29 12.00 -6.06
N TRP B 115 -7.05 10.71 -5.81
CA TRP B 115 -6.22 9.95 -6.73
C TRP B 115 -6.87 9.84 -8.11
N PHE B 116 -8.17 9.54 -8.16
CA PHE B 116 -8.84 9.40 -9.45
C PHE B 116 -8.88 10.72 -10.21
N GLU B 117 -9.03 11.85 -9.52
CA GLU B 117 -8.98 13.13 -10.24
C GLU B 117 -7.67 13.28 -10.98
N SER B 118 -6.56 12.97 -10.31
CA SER B 118 -5.26 13.12 -10.96
C SER B 118 -5.06 12.07 -12.04
N TYR B 119 -5.51 10.84 -11.80
CA TYR B 119 -5.34 9.78 -12.79
C TYR B 119 -6.27 9.99 -13.98
N ILE B 120 -7.51 10.46 -13.74
CA ILE B 120 -8.39 10.79 -14.86
C ILE B 120 -7.78 11.88 -15.72
N ASN B 121 -7.23 12.92 -15.11
CA ASN B 121 -6.69 13.99 -15.94
C ASN B 121 -5.45 13.55 -16.72
N TYR B 122 -4.66 12.64 -16.15
CA TYR B 122 -3.59 12.00 -16.92
C TYR B 122 -4.15 11.24 -18.10
N GLN B 123 -5.12 10.34 -17.84
CA GLN B 123 -5.71 9.54 -18.91
C GLN B 123 -6.31 10.41 -20.01
N LYS B 124 -7.00 11.49 -19.64
CA LYS B 124 -7.65 12.33 -20.65
C LYS B 124 -6.62 12.99 -21.56
N HIS B 125 -5.50 13.44 -21.00
CA HIS B 125 -4.45 14.02 -21.82
C HIS B 125 -3.98 13.04 -22.89
N TYR B 126 -3.75 11.78 -22.51
CA TYR B 126 -3.26 10.83 -23.49
C TYR B 126 -4.37 10.33 -24.39
N ALA B 127 -5.61 10.34 -23.91
CA ALA B 127 -6.74 10.00 -24.76
C ALA B 127 -6.86 11.00 -25.92
N LYS B 128 -6.59 12.28 -25.67
CA LYS B 128 -6.57 13.27 -26.75
C LYS B 128 -5.47 12.94 -27.76
N ILE B 129 -4.31 12.49 -27.29
CA ILE B 129 -3.23 12.13 -28.21
C ILE B 129 -3.62 10.90 -29.03
N ALA B 130 -4.22 9.90 -28.38
CA ALA B 130 -4.72 8.73 -29.11
C ALA B 130 -5.75 9.13 -30.16
N GLU B 131 -6.60 10.11 -29.84
CA GLU B 131 -7.59 10.57 -30.82
C GLU B 131 -6.91 11.30 -31.99
N LYS B 132 -6.00 12.23 -31.68
CA LYS B 132 -5.37 13.01 -32.74
C LYS B 132 -4.57 12.12 -33.69
N THR B 133 -3.94 11.07 -33.16
CA THR B 133 -3.13 10.16 -33.97
C THR B 133 -3.91 8.95 -34.47
N ASN B 134 -5.20 8.84 -34.14
CA ASN B 134 -6.05 7.75 -34.60
C ASN B 134 -5.49 6.38 -34.19
N CYS B 135 -5.07 6.26 -32.94
CA CYS B 135 -4.72 4.95 -32.40
C CYS B 135 -5.93 4.03 -32.43
N GLU B 136 -5.69 2.75 -32.70
CA GLU B 136 -6.78 1.80 -32.80
C GLU B 136 -7.40 1.47 -31.45
N MET B 137 -6.61 1.52 -30.38
CA MET B 137 -7.12 1.11 -29.07
C MET B 137 -6.39 1.88 -27.98
N PHE B 138 -7.08 2.04 -26.84
CA PHE B 138 -6.57 2.78 -25.70
C PHE B 138 -6.80 1.96 -24.45
N VAL B 139 -5.78 1.82 -23.60
CA VAL B 139 -5.83 1.00 -22.40
C VAL B 139 -5.84 1.95 -21.20
N VAL B 140 -6.98 2.02 -20.48
CA VAL B 140 -7.12 3.03 -19.42
C VAL B 140 -6.45 2.63 -18.12
N GLY B 141 -6.03 1.39 -17.96
CA GLY B 141 -5.35 1.01 -16.73
C GLY B 141 -4.72 -0.35 -16.90
N CYS B 142 -3.83 -0.68 -15.97
CA CYS B 142 -3.00 -1.87 -16.09
C CYS B 142 -2.77 -2.44 -14.69
N GLU B 143 -3.32 -3.63 -14.43
CA GLU B 143 -2.99 -4.41 -13.21
C GLU B 143 -3.31 -3.64 -11.93
N MET B 144 -4.37 -2.83 -11.93
CA MET B 144 -4.71 -2.02 -10.74
C MET B 144 -5.60 -2.82 -9.78
N VAL B 145 -5.04 -3.91 -9.25
CA VAL B 145 -5.84 -4.94 -8.58
C VAL B 145 -6.66 -4.34 -7.44
N GLN B 146 -6.00 -3.63 -6.52
CA GLN B 146 -6.73 -3.12 -5.36
C GLN B 146 -7.70 -1.99 -5.72
N ALA B 147 -7.45 -1.27 -6.80
CA ALA B 147 -8.34 -0.19 -7.24
C ALA B 147 -9.53 -0.69 -8.04
N GLU B 148 -9.50 -1.93 -8.54
CA GLU B 148 -10.58 -2.42 -9.37
C GLU B 148 -11.92 -2.41 -8.64
N ARG B 149 -11.90 -2.50 -7.31
CA ARG B 149 -13.14 -2.51 -6.53
C ARG B 149 -13.92 -1.20 -6.64
N ARG B 150 -13.27 -0.11 -7.04
CA ARG B 150 -13.94 1.20 -7.13
C ARG B 150 -14.63 1.29 -8.48
N GLU B 151 -15.58 0.37 -8.69
CA GLU B 151 -16.32 0.28 -9.94
C GLU B 151 -16.87 1.62 -10.40
N ASP B 152 -17.47 2.36 -9.49
CA ASP B 152 -18.05 3.64 -9.81
C ASP B 152 -17.05 4.63 -10.40
N LYS B 153 -15.83 4.63 -9.86
CA LYS B 153 -14.82 5.57 -10.33
C LYS B 153 -14.23 5.14 -11.66
N TRP B 154 -14.07 3.83 -11.88
CA TRP B 154 -13.59 3.39 -13.19
C TRP B 154 -14.60 3.72 -14.28
N ARG B 155 -15.89 3.61 -13.97
CA ARG B 155 -16.90 4.02 -14.95
C ARG B 155 -16.82 5.51 -15.24
N GLU B 156 -16.58 6.32 -14.20
CA GLU B 156 -16.40 7.76 -14.42
C GLU B 156 -15.21 8.03 -15.32
N LEU B 157 -14.09 7.34 -15.08
CA LEU B 157 -12.90 7.53 -15.90
C LEU B 157 -13.17 7.14 -17.35
N ILE B 158 -13.79 5.98 -17.57
CA ILE B 158 -14.04 5.51 -18.91
C ILE B 158 -14.93 6.50 -19.67
N ALA B 159 -15.93 7.06 -18.99
CA ALA B 159 -16.77 8.06 -19.63
C ALA B 159 -15.97 9.31 -20.01
N GLU B 160 -15.04 9.73 -19.15
CA GLU B 160 -14.19 10.87 -19.49
C GLU B 160 -13.31 10.57 -20.70
N VAL B 161 -12.78 9.35 -20.78
CA VAL B 161 -11.96 8.99 -21.94
C VAL B 161 -12.78 9.00 -23.22
N ARG B 162 -14.02 8.48 -23.15
CA ARG B 162 -14.90 8.50 -24.32
C ARG B 162 -15.16 9.91 -24.83
N LYS B 163 -15.17 10.90 -23.94
CA LYS B 163 -15.38 12.28 -24.39
C LYS B 163 -14.24 12.77 -25.28
N ASP B 164 -13.04 12.20 -25.10
CA ASP B 164 -11.86 12.63 -25.84
C ASP B 164 -11.49 11.71 -27.00
N TYR B 165 -11.94 10.46 -27.00
CA TYR B 165 -11.38 9.44 -27.89
C TYR B 165 -12.47 8.49 -28.37
N ARG B 166 -12.58 8.28 -29.69
CA ARG B 166 -13.68 7.51 -30.26
C ARG B 166 -13.31 6.09 -30.66
N GLY B 167 -12.08 5.65 -30.39
CA GLY B 167 -11.64 4.32 -30.76
C GLY B 167 -11.99 3.29 -29.70
N LEU B 168 -11.33 2.13 -29.79
CA LEU B 168 -11.64 1.03 -28.88
C LEU B 168 -10.99 1.27 -27.53
N VAL B 169 -11.73 0.99 -26.45
CA VAL B 169 -11.25 1.22 -25.09
C VAL B 169 -11.24 -0.10 -24.32
N THR B 170 -10.13 -0.37 -23.63
CA THR B 170 -10.01 -1.57 -22.82
C THR B 170 -9.39 -1.21 -21.49
N TYR B 171 -9.40 -2.20 -20.60
CA TYR B 171 -8.76 -2.13 -19.29
C TYR B 171 -7.98 -3.45 -19.17
N ASN B 172 -6.74 -3.36 -18.70
CA ASN B 172 -5.86 -4.51 -18.56
C ASN B 172 -5.77 -5.02 -17.13
N THR B 173 -6.47 -6.11 -16.81
CA THR B 173 -6.37 -6.65 -15.46
C THR B 173 -5.13 -7.53 -15.33
N ASP B 174 -4.82 -7.90 -14.08
CA ASP B 174 -3.67 -8.77 -13.85
C ASP B 174 -4.03 -10.24 -14.06
N LYS B 175 -3.00 -11.07 -14.21
CA LYS B 175 -3.14 -12.52 -14.18
C LYS B 175 -4.07 -12.95 -13.05
N TYR B 176 -4.98 -13.88 -13.35
CA TYR B 176 -5.97 -14.47 -12.46
C TYR B 176 -7.11 -13.55 -12.04
N GLN B 177 -7.12 -12.28 -12.47
CA GLN B 177 -8.09 -11.31 -11.99
C GLN B 177 -9.17 -10.97 -13.03
N GLU B 178 -9.31 -11.78 -14.08
CA GLU B 178 -10.23 -11.44 -15.17
C GLU B 178 -11.66 -11.22 -14.67
N ASP B 179 -12.08 -11.94 -13.63
CA ASP B 179 -13.41 -11.77 -13.05
C ASP B 179 -13.44 -10.78 -11.89
N ASN B 180 -12.30 -10.17 -11.54
CA ASN B 180 -12.29 -9.18 -10.47
C ASN B 180 -12.90 -7.87 -10.92
N VAL B 181 -12.90 -7.60 -12.22
CA VAL B 181 -13.40 -6.36 -12.80
C VAL B 181 -14.91 -6.53 -13.01
N LYS B 182 -15.69 -5.55 -12.55
CA LYS B 182 -17.15 -5.60 -12.71
C LYS B 182 -17.66 -4.49 -13.62
N PHE B 183 -16.79 -3.89 -14.43
CA PHE B 183 -17.21 -2.85 -15.35
C PHE B 183 -16.86 -3.17 -16.80
N TRP B 184 -16.77 -4.47 -17.14
CA TRP B 184 -16.43 -4.84 -18.52
C TRP B 184 -17.49 -4.36 -19.50
N ASP B 185 -18.75 -4.26 -19.06
CA ASP B 185 -19.80 -3.79 -19.95
C ASP B 185 -19.53 -2.40 -20.48
N ALA B 186 -18.77 -1.59 -19.73
CA ALA B 186 -18.48 -0.23 -20.17
C ALA B 186 -17.30 -0.14 -21.14
N LEU B 187 -16.61 -1.25 -21.41
CA LEU B 187 -15.46 -1.25 -22.31
C LEU B 187 -15.80 -1.96 -23.61
N ASP B 188 -14.89 -1.85 -24.59
CA ASP B 188 -15.09 -2.53 -25.87
C ASP B 188 -14.40 -3.87 -25.95
N VAL B 189 -13.32 -4.06 -25.19
CA VAL B 189 -12.48 -5.27 -25.25
C VAL B 189 -12.08 -5.61 -23.83
N ILE B 190 -12.06 -6.90 -23.51
CA ILE B 190 -11.57 -7.39 -22.22
C ILE B 190 -10.12 -7.81 -22.41
N SER B 191 -9.25 -7.48 -21.45
CA SER B 191 -7.87 -7.91 -21.60
C SER B 191 -7.23 -8.14 -20.24
N SER B 192 -6.17 -8.97 -20.25
CA SER B 192 -5.43 -9.26 -19.02
C SER B 192 -3.96 -9.49 -19.35
N SER B 193 -3.13 -9.46 -18.30
CA SER B 193 -1.71 -9.84 -18.38
C SER B 193 -1.65 -11.36 -18.21
N GLY B 194 -1.52 -12.07 -19.33
CA GLY B 194 -1.67 -13.51 -19.35
C GLY B 194 -0.41 -14.28 -18.99
N TYR B 195 0.19 -13.93 -17.85
CA TYR B 195 1.45 -14.53 -17.39
C TYR B 195 1.17 -15.86 -16.69
N TYR B 196 0.71 -16.86 -17.50
CA TYR B 196 0.33 -18.11 -16.85
C TYR B 196 1.43 -19.16 -16.98
N PRO B 197 1.53 -20.07 -16.01
CA PRO B 197 2.64 -21.05 -16.02
C PRO B 197 2.55 -21.98 -17.22
N ILE B 198 3.72 -22.40 -17.72
CA ILE B 198 3.80 -23.26 -18.90
C ILE B 198 3.00 -24.54 -18.70
N ASN B 199 2.84 -24.99 -17.45
CA ASN B 199 2.17 -26.26 -17.21
C ASN B 199 0.74 -26.10 -16.72
N ASP B 200 0.15 -24.89 -16.81
CA ASP B 200 -1.20 -24.71 -16.27
C ASP B 200 -2.15 -24.00 -17.24
N TRP B 201 -1.87 -24.05 -18.55
CA TRP B 201 -2.72 -23.31 -19.50
C TRP B 201 -4.13 -23.89 -19.57
N ASP B 202 -4.29 -25.22 -19.53
CA ASP B 202 -5.62 -25.81 -19.67
C ASP B 202 -6.59 -25.27 -18.62
N ARG B 203 -6.19 -25.35 -17.35
CA ARG B 203 -7.04 -24.87 -16.27
C ARG B 203 -7.30 -23.37 -16.37
N GLN B 204 -6.25 -22.58 -16.64
CA GLN B 204 -6.42 -21.14 -16.67
C GLN B 204 -7.28 -20.71 -17.86
N LEU B 205 -7.05 -21.28 -19.04
CA LEU B 205 -7.87 -20.93 -20.19
C LEU B 205 -9.34 -21.32 -19.97
N ASP B 206 -9.58 -22.49 -19.37
CA ASP B 206 -10.97 -22.87 -19.10
C ASP B 206 -11.63 -21.86 -18.14
N ARG B 207 -10.89 -21.41 -17.12
CA ARG B 207 -11.43 -20.41 -16.20
C ARG B 207 -11.77 -19.12 -16.93
N ILE B 208 -10.83 -18.62 -17.73
CA ILE B 208 -11.03 -17.34 -18.41
C ILE B 208 -12.17 -17.44 -19.41
N GLU B 209 -12.23 -18.56 -20.14
CA GLU B 209 -13.31 -18.76 -21.12
C GLU B 209 -14.69 -18.54 -20.48
N ALA B 210 -14.89 -19.07 -19.27
CA ALA B 210 -16.19 -18.95 -18.60
C ALA B 210 -16.47 -17.51 -18.16
N VAL B 211 -15.43 -16.75 -17.84
CA VAL B 211 -15.61 -15.33 -17.54
C VAL B 211 -16.00 -14.59 -18.80
N VAL B 212 -15.26 -14.82 -19.90
CA VAL B 212 -15.48 -14.08 -21.13
C VAL B 212 -16.87 -14.36 -21.71
N LYS B 213 -17.39 -15.57 -21.53
CA LYS B 213 -18.72 -15.88 -22.05
C LYS B 213 -19.84 -15.17 -21.30
N GLN B 214 -19.51 -14.47 -20.21
CA GLN B 214 -20.50 -13.73 -19.48
C GLN B 214 -20.70 -12.34 -20.12
N TYR B 215 -19.91 -12.03 -21.14
CA TYR B 215 -19.99 -10.72 -21.80
C TYR B 215 -20.03 -10.90 -23.30
N ASP B 216 -20.28 -9.79 -24.00
CA ASP B 216 -20.38 -9.77 -25.46
C ASP B 216 -19.19 -9.05 -26.07
N LYS B 217 -17.99 -9.28 -25.54
CA LYS B 217 -16.81 -8.51 -25.89
C LYS B 217 -15.69 -9.42 -26.40
N PRO B 218 -14.90 -8.94 -27.34
CA PRO B 218 -13.65 -9.65 -27.67
C PRO B 218 -12.70 -9.62 -26.47
N PHE B 219 -11.74 -10.55 -26.49
CA PHE B 219 -10.74 -10.70 -25.43
C PHE B 219 -9.36 -10.85 -26.07
N PHE B 220 -8.33 -10.26 -25.44
CA PHE B 220 -6.97 -10.64 -25.81
C PHE B 220 -6.03 -10.44 -24.63
N PHE B 221 -4.84 -11.04 -24.74
CA PHE B 221 -3.83 -10.95 -23.70
C PHE B 221 -2.94 -9.77 -24.05
N VAL B 222 -3.33 -8.58 -23.57
CA VAL B 222 -2.65 -7.35 -23.95
C VAL B 222 -1.22 -7.33 -23.42
N ALA B 223 -0.89 -8.17 -22.43
CA ALA B 223 0.49 -8.46 -22.07
C ALA B 223 0.66 -9.96 -21.90
N ALA B 224 1.79 -10.47 -22.36
CA ALA B 224 2.19 -11.87 -22.21
C ALA B 224 3.65 -11.98 -22.63
N GLY B 225 4.38 -12.91 -22.03
CA GLY B 225 5.78 -13.09 -22.35
C GLY B 225 6.50 -13.87 -21.27
N CYS B 226 7.83 -13.95 -21.43
CA CYS B 226 8.64 -14.74 -20.51
C CYS B 226 10.11 -14.33 -20.59
N PRO B 227 10.78 -14.08 -19.47
CA PRO B 227 12.23 -13.84 -19.51
C PRO B 227 12.99 -15.10 -19.88
N SER B 228 14.19 -14.90 -20.43
CA SER B 228 15.05 -16.03 -20.79
C SER B 228 15.89 -16.44 -19.58
N ARG B 229 15.21 -17.02 -18.58
CA ARG B 229 15.83 -17.47 -17.35
C ARG B 229 15.25 -18.81 -16.91
N SER B 230 16.11 -19.67 -16.34
CA SER B 230 15.64 -20.95 -15.82
C SER B 230 14.66 -20.75 -14.68
N GLY B 231 13.43 -21.24 -14.86
CA GLY B 231 12.37 -21.10 -13.89
C GLY B 231 11.33 -20.07 -14.29
N SER B 232 11.66 -19.19 -15.22
CA SER B 232 10.71 -18.17 -15.66
C SER B 232 9.47 -18.78 -16.30
N ALA B 233 9.59 -19.95 -16.93
CA ALA B 233 8.41 -20.55 -17.56
C ALA B 233 7.31 -20.86 -16.54
N LEU B 234 7.65 -21.05 -15.26
CA LEU B 234 6.64 -21.28 -14.24
C LEU B 234 6.08 -20.00 -13.65
N LEU B 235 6.84 -18.90 -13.70
CA LEU B 235 6.42 -17.62 -13.13
C LEU B 235 6.86 -16.51 -14.07
N PRO B 236 6.24 -16.43 -15.25
CA PRO B 236 6.74 -15.52 -16.29
C PRO B 236 6.51 -14.05 -16.01
N ASN B 237 5.66 -13.71 -15.03
CA ASN B 237 5.47 -12.31 -14.64
C ASN B 237 6.64 -11.77 -13.84
N LYS B 238 7.49 -12.63 -13.29
CA LYS B 238 8.45 -12.19 -12.27
C LYS B 238 9.70 -11.68 -12.98
N TRP B 239 9.73 -10.36 -13.22
CA TRP B 239 10.79 -9.75 -14.00
C TRP B 239 12.15 -9.79 -13.30
N ASP B 240 12.16 -10.07 -11.99
CA ASP B 240 13.38 -10.15 -11.19
C ASP B 240 13.63 -11.56 -10.68
N LEU B 241 13.04 -12.58 -11.31
CA LEU B 241 13.21 -13.96 -10.87
C LEU B 241 14.68 -14.33 -10.83
N GLU B 242 15.09 -15.00 -9.74
CA GLU B 242 16.45 -15.47 -9.59
C GLU B 242 16.59 -16.77 -10.36
N GLY B 243 17.23 -16.70 -11.54
CA GLY B 243 17.46 -17.86 -12.37
C GLY B 243 18.52 -17.56 -13.43
N ALA B 244 19.40 -18.53 -13.68
CA ALA B 244 20.45 -18.36 -14.66
C ALA B 244 19.88 -18.27 -16.07
N ILE B 245 20.64 -17.62 -16.96
CA ILE B 245 20.17 -17.39 -18.32
C ILE B 245 19.79 -18.70 -19.01
N ASN B 246 18.72 -18.65 -19.80
CA ASN B 246 18.19 -19.86 -20.44
C ASN B 246 17.34 -19.40 -21.63
N LEU B 247 18.02 -19.23 -22.78
CA LEU B 247 17.32 -18.80 -23.98
C LEU B 247 16.25 -19.81 -24.38
N GLN B 248 16.54 -21.10 -24.21
CA GLN B 248 15.61 -22.12 -24.72
C GLN B 248 14.34 -22.19 -23.89
N GLU B 249 14.44 -21.86 -22.61
CA GLU B 249 13.26 -21.87 -21.76
C GLU B 249 12.24 -20.86 -22.29
N GLN B 250 12.72 -19.69 -22.72
CA GLN B 250 11.82 -18.68 -23.27
C GLN B 250 11.17 -19.16 -24.56
N ALA B 251 11.94 -19.75 -25.47
CA ALA B 251 11.35 -20.27 -26.70
C ALA B 251 10.31 -21.34 -26.40
N ASP B 252 10.63 -22.26 -25.48
CA ASP B 252 9.70 -23.32 -25.14
C ASP B 252 8.41 -22.76 -24.53
N TYR B 253 8.53 -21.73 -23.69
CA TYR B 253 7.35 -21.08 -23.13
C TYR B 253 6.45 -20.55 -24.23
N TYR B 254 7.04 -19.85 -25.20
CA TYR B 254 6.25 -19.28 -26.28
C TYR B 254 5.59 -20.38 -27.12
N GLN B 255 6.34 -21.46 -27.40
CA GLN B 255 5.78 -22.53 -28.21
C GLN B 255 4.54 -23.12 -27.55
N VAL B 256 4.62 -23.38 -26.24
CA VAL B 256 3.47 -23.95 -25.53
C VAL B 256 2.33 -22.94 -25.46
N MET B 257 2.63 -21.68 -25.14
CA MET B 257 1.57 -20.67 -25.06
C MET B 257 0.77 -20.58 -26.35
N PHE B 258 1.47 -20.54 -27.50
CA PHE B 258 0.76 -20.46 -28.77
C PHE B 258 0.00 -21.76 -29.06
N GLU B 259 0.60 -22.91 -28.74
CA GLU B 259 -0.09 -24.19 -28.96
C GLU B 259 -1.37 -24.28 -28.15
N LYS B 260 -1.33 -23.82 -26.89
CA LYS B 260 -2.50 -23.96 -26.02
C LYS B 260 -3.59 -22.95 -26.38
N THR B 261 -3.21 -21.73 -26.77
CA THR B 261 -4.20 -20.70 -27.04
C THR B 261 -4.73 -20.73 -28.46
N ALA B 262 -4.00 -21.34 -29.41
CA ALA B 262 -4.44 -21.35 -30.80
C ALA B 262 -5.80 -22.03 -30.95
N SER B 263 -6.11 -22.98 -30.08
CA SER B 263 -7.37 -23.72 -30.16
C SER B 263 -8.51 -23.02 -29.43
N ARG B 264 -8.27 -21.85 -28.83
CA ARG B 264 -9.30 -21.06 -28.16
C ARG B 264 -9.65 -19.90 -29.08
N SER B 265 -10.81 -19.98 -29.75
CA SER B 265 -11.12 -18.93 -30.72
C SER B 265 -11.36 -17.58 -30.05
N TRP B 266 -11.67 -17.55 -28.76
CA TRP B 266 -11.85 -16.29 -28.03
C TRP B 266 -10.53 -15.65 -27.60
N VAL B 267 -9.39 -16.34 -27.72
CA VAL B 267 -8.12 -15.67 -27.47
C VAL B 267 -7.80 -14.85 -28.71
N GLY B 268 -8.03 -13.54 -28.62
CA GLY B 268 -8.00 -12.70 -29.80
C GLY B 268 -6.69 -12.02 -30.09
N GLY B 269 -5.60 -12.40 -29.42
CA GLY B 269 -4.32 -11.83 -29.74
C GLY B 269 -3.47 -11.59 -28.50
N PHE B 270 -2.36 -10.87 -28.73
CA PHE B 270 -1.29 -10.70 -27.76
C PHE B 270 -0.66 -9.32 -27.90
N GLY B 271 -0.27 -8.73 -26.78
CA GLY B 271 0.68 -7.64 -26.79
C GLY B 271 1.94 -8.11 -26.10
N LEU B 272 2.83 -8.79 -26.83
CA LEU B 272 3.93 -9.50 -26.19
C LEU B 272 4.85 -8.51 -25.46
N TRP B 273 5.35 -8.94 -24.30
CA TRP B 273 6.18 -8.12 -23.43
C TRP B 273 7.61 -8.65 -23.47
N ASP B 274 8.58 -7.82 -23.88
CA ASP B 274 8.43 -6.49 -24.46
C ASP B 274 9.63 -6.24 -25.38
N TRP B 275 9.57 -5.17 -26.18
CA TRP B 275 10.64 -4.82 -27.11
C TRP B 275 11.19 -3.45 -26.71
N GLN B 276 12.49 -3.40 -26.42
CA GLN B 276 13.07 -2.17 -25.87
C GLN B 276 13.18 -1.08 -26.94
N THR B 277 12.95 0.17 -26.52
CA THR B 277 13.26 1.31 -27.37
C THR B 277 14.73 1.36 -27.72
N TYR B 278 15.59 1.25 -26.71
CA TYR B 278 17.03 1.19 -26.87
C TYR B 278 17.40 -0.29 -26.85
N LEU B 279 17.35 -0.90 -28.03
CA LEU B 279 17.53 -2.34 -28.17
C LEU B 279 19.00 -2.73 -28.00
N TYR B 280 19.23 -3.86 -27.34
CA TYR B 280 20.60 -4.36 -27.21
C TYR B 280 21.14 -4.77 -28.59
N ASP B 281 22.47 -4.79 -28.69
CA ASP B 281 23.11 -5.27 -29.92
C ASP B 281 22.84 -6.76 -30.08
N GLU B 282 22.58 -7.18 -31.33
CA GLU B 282 22.20 -8.58 -31.55
C GLU B 282 23.28 -9.53 -31.07
N LYS B 283 24.55 -9.11 -31.11
CA LYS B 283 25.62 -9.99 -30.67
C LYS B 283 25.59 -10.23 -29.16
N ASP B 284 24.84 -9.42 -28.40
CA ASP B 284 24.67 -9.63 -26.97
C ASP B 284 23.39 -10.38 -26.63
N ALA B 285 22.62 -10.81 -27.63
CA ALA B 285 21.35 -11.48 -27.35
C ALA B 285 21.53 -12.73 -26.50
N THR B 286 22.58 -13.50 -26.74
CA THR B 286 22.70 -14.78 -26.04
C THR B 286 23.08 -14.61 -24.58
N LYS B 287 23.43 -13.41 -24.14
CA LYS B 287 23.70 -13.14 -22.75
C LYS B 287 22.59 -12.32 -22.09
N ASN B 288 21.51 -12.06 -22.80
CA ASN B 288 20.42 -11.23 -22.28
C ASN B 288 19.38 -12.13 -21.61
N ASP B 289 19.08 -11.86 -20.34
CA ASP B 289 18.16 -12.69 -19.57
C ASP B 289 16.81 -12.01 -19.31
N ASP B 290 16.45 -11.01 -20.09
CA ASP B 290 15.21 -10.27 -19.86
C ASP B 290 14.11 -10.77 -20.82
N TYR B 291 13.04 -9.98 -20.98
CA TYR B 291 11.91 -10.42 -21.81
C TYR B 291 12.17 -10.32 -23.31
N GLY B 292 13.18 -9.55 -23.72
CA GLY B 292 13.44 -9.36 -25.13
C GLY B 292 13.62 -10.67 -25.88
N VAL B 293 13.18 -10.70 -27.14
CA VAL B 293 13.32 -11.89 -27.99
C VAL B 293 14.27 -11.66 -29.17
N PHE B 294 14.70 -10.43 -29.41
CA PHE B 294 15.64 -10.10 -30.47
C PHE B 294 16.89 -11.00 -30.39
N GLY B 295 17.17 -11.69 -31.49
CA GLY B 295 18.35 -12.55 -31.54
C GLY B 295 18.27 -13.83 -30.76
N LYS B 296 17.11 -14.17 -30.21
CA LYS B 296 16.91 -15.35 -29.38
C LYS B 296 16.03 -16.35 -30.12
N PRO B 297 16.06 -17.64 -29.73
CA PRO B 297 15.22 -18.62 -30.45
C PRO B 297 13.73 -18.36 -30.37
N ALA B 298 13.23 -17.67 -29.34
CA ALA B 298 11.81 -17.34 -29.30
C ALA B 298 11.40 -16.42 -30.44
N GLU B 299 12.35 -15.64 -30.97
CA GLU B 299 12.04 -14.72 -32.07
C GLU B 299 11.43 -15.44 -33.26
N ARG B 300 12.03 -16.59 -33.63
CA ARG B 300 11.51 -17.33 -34.77
C ARG B 300 10.18 -18.00 -34.46
N VAL B 301 9.98 -18.43 -33.20
CA VAL B 301 8.71 -19.03 -32.81
C VAL B 301 7.58 -18.01 -32.96
N ILE B 302 7.82 -16.77 -32.52
CA ILE B 302 6.80 -15.73 -32.59
C ILE B 302 6.50 -15.39 -34.05
N LYS B 303 7.55 -15.13 -34.84
CA LYS B 303 7.34 -14.75 -36.24
C LYS B 303 6.54 -15.82 -36.98
N ALA B 304 6.89 -17.09 -36.77
CA ALA B 304 6.19 -18.15 -37.49
C ALA B 304 4.73 -18.21 -37.06
N TYR B 305 4.47 -18.08 -35.76
CA TYR B 305 3.08 -18.14 -35.31
C TYR B 305 2.28 -16.96 -35.84
N TYR B 306 2.84 -15.74 -35.71
CA TYR B 306 2.16 -14.54 -36.22
C TYR B 306 1.95 -14.62 -37.73
N GLN B 307 2.88 -15.22 -38.47
CA GLN B 307 2.67 -15.35 -39.92
C GLN B 307 1.61 -16.38 -40.26
N SER B 308 1.26 -17.26 -39.32
CA SER B 308 0.28 -18.31 -39.54
C SER B 308 -1.14 -17.90 -39.19
N ARG B 309 -1.34 -16.75 -38.52
CA ARG B 309 -2.69 -16.36 -38.09
C ARG B 309 -3.21 -15.21 -38.95
#